data_2YZS
#
_entry.id   2YZS
#
_cell.length_a   122.235
_cell.length_b   96.979
_cell.length_c   93.495
_cell.angle_alpha   90.00
_cell.angle_beta   127.34
_cell.angle_gamma   90.00
#
_symmetry.space_group_name_H-M   'C 1 2 1'
#
loop_
_entity.id
_entity.type
_entity.pdbx_description
1 polymer 'Putative uncharacterized protein'
2 non-polymer 'SULFATE ION'
3 water water
#
_entity_poly.entity_id   1
_entity_poly.type   'polypeptide(L)'
_entity_poly.pdbx_seq_one_letter_code
;GRVYYINSHGTLSRHENTLRFENAEVKKDIPVEDVEEIFVFAELSLNTKLLNFLASKGIPLHFFNYYGYYTGTFYPRESS
VSGHLLIKQVEHYLDAQKRLYLAKSFVIGSILNLEYVYKISADTYLNKVKETNSIPEL(MSE)SVEAEFRKLCYKKLEEV
TGWELEKRTKRPPQNPLNALISFGNSLTYAKVLGEIYKTQLNPTVSYLHEPSTKRFSLSLDVAEVFKPIFVDNLIIRLIQ
ENKIDKTHFSTELN(MSE)TFLNEIGRKVFLKAFNELLETTIFYPKLNRKVSHRTLIKLELYKLIKHLLEEEVYLPLNYG
GLK
;
_entity_poly.pdbx_strand_id   A,B
#
# COMPACT_ATOMS: atom_id res chain seq x y z
N GLY A 1 21.72 -7.96 14.62
CA GLY A 1 21.22 -6.60 14.23
C GLY A 1 20.46 -6.64 12.92
N ARG A 2 19.17 -6.89 12.99
CA ARG A 2 18.33 -6.96 11.81
C ARG A 2 18.11 -5.58 11.18
N VAL A 3 18.05 -4.53 11.99
CA VAL A 3 17.86 -3.17 11.45
C VAL A 3 19.22 -2.64 11.04
N TYR A 4 19.30 -2.05 9.86
CA TYR A 4 20.56 -1.52 9.34
C TYR A 4 20.47 0.00 9.25
N TYR A 5 21.51 0.67 9.73
CA TYR A 5 21.56 2.13 9.74
C TYR A 5 22.72 2.61 8.88
N ILE A 6 22.46 3.50 7.94
CA ILE A 6 23.53 4.00 7.09
C ILE A 6 23.83 5.45 7.47
N ASN A 7 25.00 5.67 8.05
CA ASN A 7 25.41 6.99 8.48
C ASN A 7 26.53 7.60 7.64
N SER A 8 26.91 6.91 6.57
CA SER A 8 27.97 7.40 5.68
C SER A 8 27.45 7.64 4.29
N HIS A 9 28.01 8.65 3.62
CA HIS A 9 27.61 8.98 2.26
C HIS A 9 28.14 7.87 1.34
N GLY A 10 27.33 7.48 0.36
CA GLY A 10 27.78 6.44 -0.55
C GLY A 10 26.72 5.93 -1.52
N THR A 11 26.97 4.74 -2.06
CA THR A 11 26.08 4.10 -3.01
C THR A 11 25.63 2.76 -2.43
N LEU A 12 24.33 2.51 -2.46
CA LEU A 12 23.78 1.26 -1.96
C LEU A 12 23.27 0.53 -3.18
N SER A 13 23.66 -0.73 -3.34
CA SER A 13 23.23 -1.48 -4.51
C SER A 13 23.05 -2.97 -4.24
N ARG A 14 22.46 -3.66 -5.21
CA ARG A 14 22.30 -5.09 -5.13
C ARG A 14 23.54 -5.65 -5.79
N HIS A 15 24.21 -6.58 -5.15
CA HIS A 15 25.41 -7.19 -5.71
C HIS A 15 25.37 -8.68 -5.43
N GLU A 16 25.28 -9.49 -6.47
CA GLU A 16 25.27 -10.94 -6.31
C GLU A 16 24.33 -11.43 -5.19
N ASN A 17 23.05 -11.11 -5.32
CA ASN A 17 22.06 -11.51 -4.33
C ASN A 17 22.33 -11.02 -2.93
N THR A 18 23.09 -9.94 -2.82
CA THR A 18 23.35 -9.34 -1.52
C THR A 18 23.42 -7.83 -1.67
N LEU A 19 23.55 -7.13 -0.55
CA LEU A 19 23.63 -5.68 -0.59
C LEU A 19 25.08 -5.27 -0.53
N ARG A 20 25.40 -4.14 -1.14
CA ARG A 20 26.77 -3.62 -1.10
C ARG A 20 26.74 -2.12 -0.90
N PHE A 21 27.47 -1.66 0.11
CA PHE A 21 27.56 -0.24 0.36
C PHE A 21 28.96 0.19 -0.05
N GLU A 22 29.06 1.25 -0.85
CA GLU A 22 30.36 1.70 -1.29
C GLU A 22 30.51 3.20 -1.46
N ASN A 23 31.68 3.71 -1.08
CA ASN A 23 32.04 5.11 -1.24
C ASN A 23 33.54 5.07 -1.51
N ALA A 24 34.23 6.20 -1.36
CA ALA A 24 35.66 6.21 -1.64
C ALA A 24 36.51 5.46 -0.62
N GLU A 25 36.07 5.45 0.64
CA GLU A 25 36.83 4.79 1.69
C GLU A 25 36.50 3.34 1.98
N VAL A 26 35.34 2.85 1.51
CA VAL A 26 34.98 1.47 1.79
C VAL A 26 34.07 0.80 0.78
N LYS A 27 34.03 -0.53 0.85
CA LYS A 27 33.19 -1.35 0.00
C LYS A 27 32.89 -2.63 0.77
N LYS A 28 31.72 -2.67 1.41
CA LYS A 28 31.33 -3.82 2.19
C LYS A 28 30.06 -4.50 1.68
N ASP A 29 30.07 -5.83 1.78
CA ASP A 29 28.95 -6.66 1.35
C ASP A 29 28.12 -6.97 2.58
N ILE A 30 26.82 -6.73 2.47
CA ILE A 30 25.92 -6.99 3.58
C ILE A 30 24.87 -8.03 3.18
N PRO A 31 24.96 -9.25 3.75
CA PRO A 31 23.98 -10.29 3.41
C PRO A 31 22.58 -9.76 3.66
N VAL A 32 21.80 -9.64 2.59
CA VAL A 32 20.45 -9.11 2.68
C VAL A 32 19.53 -9.94 3.55
N GLU A 33 19.96 -11.14 3.91
CA GLU A 33 19.16 -12.02 4.75
C GLU A 33 19.14 -11.55 6.21
N ASP A 34 20.19 -10.85 6.63
CA ASP A 34 20.26 -10.36 8.00
C ASP A 34 19.70 -8.94 8.13
N VAL A 35 19.13 -8.43 7.04
CA VAL A 35 18.58 -7.08 7.03
C VAL A 35 17.06 -7.08 6.95
N GLU A 36 16.41 -6.46 7.93
CA GLU A 36 14.95 -6.43 7.93
C GLU A 36 14.42 -5.05 7.60
N GLU A 37 15.24 -4.03 7.81
CA GLU A 37 14.82 -2.67 7.58
C GLU A 37 16.06 -1.77 7.50
N ILE A 38 15.99 -0.71 6.71
CA ILE A 38 17.13 0.19 6.57
C ILE A 38 16.78 1.66 6.82
N PHE A 39 17.55 2.31 7.69
CA PHE A 39 17.35 3.73 7.97
C PHE A 39 18.55 4.42 7.32
N VAL A 40 18.28 5.47 6.55
CA VAL A 40 19.31 6.21 5.83
C VAL A 40 19.45 7.64 6.35
N PHE A 41 20.65 7.99 6.81
CA PHE A 41 20.90 9.32 7.37
C PHE A 41 21.94 10.15 6.62
N ALA A 42 22.40 9.66 5.47
CA ALA A 42 23.42 10.36 4.69
C ALA A 42 23.06 10.41 3.22
N GLU A 43 23.90 11.05 2.41
CA GLU A 43 23.66 11.14 0.97
C GLU A 43 23.88 9.74 0.39
N LEU A 44 22.88 9.25 -0.33
CA LEU A 44 22.96 7.91 -0.89
C LEU A 44 22.49 7.84 -2.34
N SER A 45 23.29 7.18 -3.17
CA SER A 45 22.94 6.98 -4.57
C SER A 45 22.34 5.58 -4.64
N LEU A 46 21.22 5.43 -5.34
CA LEU A 46 20.60 4.11 -5.48
C LEU A 46 19.87 4.01 -6.80
N ASN A 47 19.39 2.81 -7.13
CA ASN A 47 18.64 2.61 -8.38
C ASN A 47 17.50 1.60 -8.21
N THR A 48 16.71 1.41 -9.26
CA THR A 48 15.59 0.49 -9.19
C THR A 48 16.01 -0.97 -9.03
N LYS A 49 17.19 -1.30 -9.52
CA LYS A 49 17.70 -2.67 -9.38
C LYS A 49 17.79 -2.96 -7.87
N LEU A 50 18.20 -1.94 -7.11
CA LEU A 50 18.31 -2.10 -5.67
C LEU A 50 16.93 -2.15 -5.03
N LEU A 51 16.10 -1.16 -5.34
CA LEU A 51 14.75 -1.07 -4.76
C LEU A 51 13.87 -2.30 -5.06
N ASN A 52 13.97 -2.82 -6.28
CA ASN A 52 13.17 -3.99 -6.62
C ASN A 52 13.68 -5.18 -5.82
N PHE A 53 14.96 -5.19 -5.52
CA PHE A 53 15.58 -6.25 -4.73
C PHE A 53 15.11 -6.16 -3.26
N LEU A 54 15.13 -4.96 -2.71
CA LEU A 54 14.69 -4.76 -1.34
C LEU A 54 13.20 -5.11 -1.22
N ALA A 55 12.43 -4.73 -2.23
CA ALA A 55 11.00 -5.02 -2.24
C ALA A 55 10.80 -6.52 -2.16
N SER A 56 11.61 -7.25 -2.92
CA SER A 56 11.53 -8.71 -2.95
C SER A 56 11.80 -9.34 -1.60
N LYS A 57 12.66 -8.74 -0.80
CA LYS A 57 12.98 -9.29 0.50
C LYS A 57 12.10 -8.66 1.58
N GLY A 58 11.20 -7.76 1.17
CA GLY A 58 10.32 -7.11 2.12
C GLY A 58 11.09 -6.23 3.08
N ILE A 59 11.93 -5.36 2.54
CA ILE A 59 12.77 -4.48 3.34
C ILE A 59 12.45 -3.01 3.13
N PRO A 60 11.75 -2.39 4.09
CA PRO A 60 11.43 -0.97 3.93
C PRO A 60 12.71 -0.13 4.10
N LEU A 61 12.72 1.06 3.52
CA LEU A 61 13.86 1.99 3.59
C LEU A 61 13.33 3.34 4.09
N HIS A 62 13.91 3.86 5.17
CA HIS A 62 13.48 5.14 5.74
C HIS A 62 14.58 6.18 5.49
N PHE A 63 14.20 7.37 5.06
CA PHE A 63 15.15 8.43 4.75
C PHE A 63 15.09 9.63 5.69
N PHE A 64 16.27 10.16 6.03
CA PHE A 64 16.41 11.34 6.88
C PHE A 64 17.43 12.26 6.19
N ASN A 65 17.14 13.56 6.14
CA ASN A 65 18.06 14.49 5.47
C ASN A 65 19.23 14.96 6.34
N TYR A 66 19.98 15.91 5.80
CA TYR A 66 21.14 16.50 6.47
C TYR A 66 20.86 16.91 7.92
N TYR A 67 19.70 17.51 8.15
CA TYR A 67 19.31 17.97 9.48
C TYR A 67 18.73 16.88 10.38
N GLY A 68 18.71 15.63 9.92
CA GLY A 68 18.15 14.56 10.73
C GLY A 68 16.64 14.53 10.63
N TYR A 69 16.11 15.26 9.67
CA TYR A 69 14.68 15.35 9.44
C TYR A 69 14.17 14.20 8.56
N TYR A 70 13.24 13.42 9.10
CA TYR A 70 12.64 12.30 8.38
C TYR A 70 11.92 12.84 7.15
N THR A 71 12.31 12.37 5.96
CA THR A 71 11.69 12.87 4.74
C THR A 71 10.71 11.90 4.06
N GLY A 72 10.81 10.62 4.35
CA GLY A 72 9.91 9.68 3.71
C GLY A 72 10.40 8.25 3.80
N THR A 73 9.56 7.33 3.33
CA THR A 73 9.87 5.92 3.37
C THR A 73 9.58 5.19 2.06
N PHE A 74 10.47 4.28 1.68
CA PHE A 74 10.22 3.46 0.50
C PHE A 74 9.48 2.29 1.11
N TYR A 75 8.17 2.24 0.87
CA TYR A 75 7.31 1.20 1.41
C TYR A 75 7.12 0.19 0.28
N PRO A 76 7.69 -1.02 0.43
CA PRO A 76 7.61 -2.08 -0.58
C PRO A 76 6.21 -2.61 -0.82
N ARG A 77 6.06 -3.29 -1.96
CA ARG A 77 4.80 -3.94 -2.30
C ARG A 77 4.54 -4.87 -1.12
N GLU A 78 3.31 -4.93 -0.65
CA GLU A 78 2.93 -5.77 0.49
C GLU A 78 3.22 -7.25 0.24
N SER A 79 3.76 -7.93 1.26
CA SER A 79 4.08 -9.34 1.16
C SER A 79 2.82 -10.17 1.33
N SER A 80 2.07 -9.93 2.39
CA SER A 80 0.84 -10.67 2.63
C SER A 80 -0.36 -9.75 2.81
N VAL A 81 -1.40 -10.00 2.02
CA VAL A 81 -2.61 -9.21 2.07
C VAL A 81 -3.78 -10.05 2.56
N SER A 82 -4.69 -9.42 3.32
CA SER A 82 -5.85 -10.10 3.82
C SER A 82 -7.05 -9.19 3.63
N GLY A 83 -7.89 -9.52 2.66
CA GLY A 83 -9.07 -8.73 2.39
C GLY A 83 -10.01 -8.69 3.58
N HIS A 84 -10.11 -9.81 4.29
CA HIS A 84 -10.98 -9.87 5.46
C HIS A 84 -10.51 -8.86 6.50
N LEU A 85 -9.25 -8.98 6.92
CA LEU A 85 -8.70 -8.07 7.92
C LEU A 85 -8.89 -6.61 7.50
N LEU A 86 -8.63 -6.31 6.23
CA LEU A 86 -8.78 -4.94 5.74
C LEU A 86 -10.20 -4.43 5.96
N ILE A 87 -11.18 -5.29 5.70
CA ILE A 87 -12.57 -4.91 5.89
C ILE A 87 -12.79 -4.60 7.37
N LYS A 88 -12.33 -5.50 8.23
CA LYS A 88 -12.47 -5.33 9.67
C LYS A 88 -11.77 -4.07 10.20
N GLN A 89 -10.64 -3.70 9.59
CA GLN A 89 -9.91 -2.49 10.01
C GLN A 89 -10.81 -1.27 9.79
N VAL A 90 -11.37 -1.18 8.60
CA VAL A 90 -12.23 -0.06 8.25
C VAL A 90 -13.56 -0.12 8.99
N GLU A 91 -14.05 -1.32 9.25
CA GLU A 91 -15.31 -1.49 9.95
C GLU A 91 -15.18 -0.86 11.34
N HIS A 92 -14.09 -1.16 12.03
CA HIS A 92 -13.86 -0.60 13.37
C HIS A 92 -13.63 0.90 13.39
N TYR A 93 -13.52 1.49 12.20
CA TYR A 93 -13.35 2.93 12.08
C TYR A 93 -14.72 3.55 11.80
N LEU A 94 -15.45 2.94 10.87
CA LEU A 94 -16.76 3.42 10.47
C LEU A 94 -17.77 3.35 11.61
N ASP A 95 -17.66 2.33 12.44
CA ASP A 95 -18.58 2.22 13.56
C ASP A 95 -18.08 3.06 14.74
N ALA A 96 -18.79 4.15 15.02
CA ALA A 96 -18.44 5.08 16.10
C ALA A 96 -18.07 4.42 17.43
N GLN A 97 -18.84 3.41 17.84
CA GLN A 97 -18.57 2.73 19.10
C GLN A 97 -17.27 1.93 19.08
N LYS A 98 -17.01 1.23 17.97
CA LYS A 98 -15.79 0.45 17.85
C LYS A 98 -14.57 1.37 17.76
N ARG A 99 -14.70 2.45 17.00
CA ARG A 99 -13.61 3.40 16.83
C ARG A 99 -13.27 4.10 18.14
N LEU A 100 -14.30 4.42 18.91
CA LEU A 100 -14.11 5.10 20.19
C LEU A 100 -13.28 4.24 21.12
N TYR A 101 -13.62 2.96 21.22
CA TYR A 101 -12.88 2.07 22.09
C TYR A 101 -11.39 2.07 21.74
N LEU A 102 -11.08 1.96 20.46
CA LEU A 102 -9.69 1.94 20.02
C LEU A 102 -9.01 3.30 20.21
N ALA A 103 -9.70 4.38 19.86
CA ALA A 103 -9.13 5.70 20.05
C ALA A 103 -8.73 5.88 21.51
N LYS A 104 -9.61 5.46 22.42
CA LYS A 104 -9.33 5.57 23.85
C LYS A 104 -8.18 4.69 24.30
N SER A 105 -8.14 3.46 23.82
CA SER A 105 -7.08 2.53 24.18
C SER A 105 -5.69 3.07 23.84
N PHE A 106 -5.56 3.71 22.69
CA PHE A 106 -4.27 4.27 22.29
C PHE A 106 -3.88 5.43 23.18
N VAL A 107 -4.85 6.27 23.54
CA VAL A 107 -4.57 7.40 24.42
C VAL A 107 -4.19 6.88 25.79
N ILE A 108 -4.90 5.85 26.25
CA ILE A 108 -4.62 5.25 27.54
C ILE A 108 -3.21 4.65 27.56
N GLY A 109 -2.84 3.99 26.47
CA GLY A 109 -1.51 3.41 26.39
C GLY A 109 -0.46 4.50 26.48
N SER A 110 -0.71 5.62 25.82
CA SER A 110 0.21 6.75 25.84
C SER A 110 0.33 7.38 27.23
N ILE A 111 -0.81 7.64 27.86
CA ILE A 111 -0.80 8.24 29.19
C ILE A 111 -0.15 7.33 30.22
N LEU A 112 -0.51 6.04 30.19
CA LEU A 112 0.06 5.09 31.13
C LEU A 112 1.57 4.99 31.00
N ASN A 113 2.07 5.04 29.77
CA ASN A 113 3.51 4.91 29.59
C ASN A 113 4.26 6.19 29.86
N LEU A 114 3.61 7.33 29.67
CA LEU A 114 4.22 8.61 29.97
C LEU A 114 4.30 8.71 31.50
N GLU A 115 3.24 8.22 32.14
CA GLU A 115 3.16 8.22 33.60
C GLU A 115 4.31 7.39 34.18
N TYR A 116 4.59 6.24 33.57
CA TYR A 116 5.67 5.39 34.03
C TYR A 116 7.03 6.07 33.90
N VAL A 117 7.22 6.78 32.80
CA VAL A 117 8.48 7.47 32.55
C VAL A 117 8.70 8.73 33.40
N TYR A 118 7.69 9.60 33.44
CA TYR A 118 7.79 10.85 34.16
C TYR A 118 7.33 10.83 35.62
N LYS A 119 6.72 9.72 36.02
CA LYS A 119 6.22 9.55 37.39
C LYS A 119 5.28 10.68 37.80
N ILE A 120 4.34 11.01 36.93
CA ILE A 120 3.34 12.03 37.21
C ILE A 120 1.98 11.34 37.22
N SER A 121 1.19 11.58 38.26
CA SER A 121 -0.13 10.96 38.39
C SER A 121 -1.03 11.27 37.20
N ALA A 122 -1.60 10.23 36.60
CA ALA A 122 -2.46 10.41 35.45
C ALA A 122 -3.93 10.07 35.73
N ASP A 123 -4.23 9.70 36.98
CA ASP A 123 -5.60 9.35 37.35
C ASP A 123 -6.62 10.37 36.86
N THR A 124 -6.35 11.63 37.10
CA THR A 124 -7.25 12.70 36.69
C THR A 124 -7.50 12.67 35.19
N TYR A 125 -6.45 12.41 34.43
CA TYR A 125 -6.52 12.37 32.97
C TYR A 125 -7.18 11.09 32.48
N LEU A 126 -6.86 9.98 33.11
CA LEU A 126 -7.45 8.70 32.74
C LEU A 126 -8.95 8.77 33.02
N ASN A 127 -9.34 9.48 34.07
CA ASN A 127 -10.76 9.61 34.40
C ASN A 127 -11.51 10.37 33.30
N LYS A 128 -10.90 11.43 32.79
CA LYS A 128 -11.54 12.20 31.72
C LYS A 128 -11.73 11.31 30.48
N VAL A 129 -10.72 10.52 30.15
CA VAL A 129 -10.78 9.62 29.01
C VAL A 129 -11.95 8.65 29.17
N LYS A 130 -12.08 8.08 30.35
CA LYS A 130 -13.15 7.12 30.64
C LYS A 130 -14.54 7.73 30.59
N GLU A 131 -14.64 9.04 30.79
CA GLU A 131 -15.93 9.71 30.80
C GLU A 131 -16.35 10.39 29.50
N THR A 132 -15.43 10.57 28.57
CA THR A 132 -15.80 11.23 27.31
C THR A 132 -16.18 10.28 26.18
N ASN A 133 -16.86 10.82 25.18
CA ASN A 133 -17.29 10.08 24.01
C ASN A 133 -16.88 10.85 22.76
N SER A 134 -15.97 11.79 22.96
CA SER A 134 -15.47 12.63 21.88
C SER A 134 -14.01 12.33 21.59
N ILE A 135 -13.72 11.80 20.42
CA ILE A 135 -12.35 11.49 20.05
C ILE A 135 -11.50 12.77 20.11
N PRO A 136 -12.07 13.91 19.67
CA PRO A 136 -11.32 15.17 19.70
C PRO A 136 -10.97 15.53 21.15
N GLU A 137 -11.85 15.15 22.07
CA GLU A 137 -11.64 15.42 23.48
C GLU A 137 -10.47 14.56 23.97
N LEU A 138 -10.49 13.28 23.61
CA LEU A 138 -9.43 12.36 23.98
C LEU A 138 -8.10 12.99 23.61
N SER A 140 -7.46 16.10 23.07
CA SER A 140 -7.26 17.28 23.92
C SER A 140 -6.68 16.87 25.27
N VAL A 141 -7.24 15.82 25.85
CA VAL A 141 -6.78 15.32 27.15
C VAL A 141 -5.36 14.76 27.06
N GLU A 142 -5.10 13.96 26.02
CA GLU A 142 -3.79 13.36 25.84
C GLU A 142 -2.76 14.47 25.67
N ALA A 143 -3.10 15.49 24.88
CA ALA A 143 -2.20 16.60 24.65
C ALA A 143 -1.95 17.38 25.95
N GLU A 144 -2.90 17.31 26.86
CA GLU A 144 -2.78 18.02 28.13
C GLU A 144 -1.76 17.31 29.02
N PHE A 145 -1.85 15.99 29.07
CA PHE A 145 -0.92 15.21 29.88
C PHE A 145 0.45 15.24 29.20
N ARG A 146 0.46 15.20 27.88
CA ARG A 146 1.70 15.23 27.11
C ARG A 146 2.42 16.56 27.42
N LYS A 147 1.64 17.63 27.51
CA LYS A 147 2.21 18.94 27.81
C LYS A 147 2.85 18.94 29.20
N LEU A 148 2.15 18.35 30.16
CA LEU A 148 2.67 18.27 31.52
C LEU A 148 4.00 17.56 31.56
N CYS A 149 4.10 16.47 30.82
CA CYS A 149 5.32 15.68 30.79
C CYS A 149 6.47 16.42 30.12
N TYR A 150 6.18 17.27 29.15
CA TYR A 150 7.24 18.03 28.49
C TYR A 150 7.82 19.04 29.46
N LYS A 151 6.95 19.63 30.27
CA LYS A 151 7.40 20.62 31.26
C LYS A 151 8.31 19.93 32.26
N LYS A 152 8.05 18.66 32.54
CA LYS A 152 8.89 17.94 33.48
C LYS A 152 10.18 17.48 32.81
N LEU A 153 10.11 17.11 31.53
CA LEU A 153 11.30 16.68 30.80
C LEU A 153 12.32 17.80 30.85
N GLU A 154 11.85 19.03 30.67
CA GLU A 154 12.69 20.21 30.71
C GLU A 154 13.37 20.33 32.09
N GLU A 155 12.61 20.11 33.16
CA GLU A 155 13.19 20.21 34.50
C GLU A 155 14.18 19.08 34.81
N VAL A 156 13.81 17.85 34.50
CA VAL A 156 14.69 16.72 34.78
C VAL A 156 15.98 16.72 33.96
N THR A 157 16.00 17.42 32.83
CA THR A 157 17.20 17.45 32.01
C THR A 157 18.02 18.71 32.22
N GLY A 158 17.34 19.84 32.41
CA GLY A 158 18.05 21.10 32.60
C GLY A 158 18.20 21.81 31.26
N TRP A 159 17.66 21.16 30.22
CA TRP A 159 17.70 21.70 28.86
C TRP A 159 16.42 22.44 28.50
N GLU A 160 16.58 23.60 27.88
CA GLU A 160 15.45 24.42 27.48
C GLU A 160 14.60 23.73 26.41
N LEU A 161 13.29 23.80 26.59
CA LEU A 161 12.35 23.18 25.66
C LEU A 161 11.38 24.23 25.12
N GLU A 162 11.27 24.27 23.80
CA GLU A 162 10.36 25.20 23.13
C GLU A 162 8.92 24.72 23.30
N PRO A 168 10.13 23.24 13.50
CA PRO A 168 11.60 23.20 13.28
C PRO A 168 12.34 23.47 14.59
N PRO A 169 13.01 22.43 15.13
CA PRO A 169 13.77 22.49 16.38
C PRO A 169 14.69 23.69 16.56
N GLN A 170 14.38 24.51 17.55
CA GLN A 170 15.17 25.70 17.87
C GLN A 170 16.08 25.39 19.07
N ASN A 171 15.81 24.27 19.72
CA ASN A 171 16.58 23.84 20.89
C ASN A 171 17.03 22.39 20.75
N PRO A 172 18.18 22.05 21.35
CA PRO A 172 18.70 20.68 21.29
C PRO A 172 17.69 19.64 21.78
N LEU A 173 16.94 19.97 22.84
CA LEU A 173 15.96 19.03 23.38
C LEU A 173 14.84 18.78 22.38
N ASN A 174 14.37 19.82 21.71
CA ASN A 174 13.30 19.68 20.73
C ASN A 174 13.80 18.82 19.56
N ALA A 175 15.08 18.95 19.26
CA ALA A 175 15.69 18.18 18.18
C ALA A 175 15.68 16.71 18.55
N LEU A 176 16.08 16.41 19.78
CA LEU A 176 16.10 15.03 20.25
C LEU A 176 14.71 14.41 20.20
N ILE A 177 13.71 15.15 20.70
CA ILE A 177 12.34 14.66 20.71
C ILE A 177 11.82 14.36 19.29
N SER A 178 12.01 15.31 18.36
CA SER A 178 11.58 15.11 16.99
C SER A 178 12.29 13.91 16.34
N PHE A 179 13.60 13.79 16.55
CA PHE A 179 14.37 12.70 15.97
C PHE A 179 13.89 11.36 16.48
N GLY A 180 13.74 11.26 17.81
CA GLY A 180 13.28 10.03 18.42
C GLY A 180 11.87 9.67 17.97
N ASN A 181 11.00 10.67 17.90
CA ASN A 181 9.62 10.45 17.48
C ASN A 181 9.54 9.92 16.04
N SER A 182 10.36 10.48 15.14
CA SER A 182 10.34 10.03 13.75
C SER A 182 10.89 8.61 13.64
N LEU A 183 11.94 8.33 14.40
CA LEU A 183 12.53 7.00 14.40
C LEU A 183 11.48 5.99 14.83
N THR A 184 10.66 6.40 15.80
CA THR A 184 9.62 5.52 16.32
C THR A 184 8.50 5.32 15.31
N TYR A 185 8.09 6.40 14.65
CA TYR A 185 7.05 6.33 13.64
C TYR A 185 7.49 5.39 12.51
N ALA A 186 8.75 5.52 12.10
CA ALA A 186 9.31 4.70 11.03
C ALA A 186 9.42 3.25 11.45
N LYS A 187 9.97 3.02 12.65
CA LYS A 187 10.12 1.66 13.13
C LYS A 187 8.77 0.96 13.25
N VAL A 188 7.77 1.68 13.74
CA VAL A 188 6.45 1.10 13.87
C VAL A 188 5.89 0.79 12.47
N LEU A 189 6.09 1.71 11.53
CA LEU A 189 5.64 1.53 10.16
C LEU A 189 6.25 0.23 9.59
N GLY A 190 7.52 0.03 9.86
CA GLY A 190 8.21 -1.15 9.41
C GLY A 190 7.60 -2.41 9.99
N GLU A 191 7.17 -2.34 11.26
CA GLU A 191 6.55 -3.51 11.88
C GLU A 191 5.16 -3.75 11.26
N ILE A 192 4.45 -2.69 10.93
CA ILE A 192 3.13 -2.83 10.32
C ILE A 192 3.26 -3.49 8.93
N TYR A 193 4.32 -3.15 8.22
CA TYR A 193 4.58 -3.69 6.91
C TYR A 193 4.63 -5.23 6.93
N LYS A 194 5.29 -5.77 7.94
CA LYS A 194 5.43 -7.22 8.08
C LYS A 194 4.13 -7.94 8.46
N THR A 195 3.08 -7.19 8.79
CA THR A 195 1.81 -7.81 9.16
C THR A 195 0.83 -7.63 8.01
N GLN A 196 -0.39 -8.12 8.19
CA GLN A 196 -1.42 -7.99 7.15
C GLN A 196 -2.15 -6.66 7.27
N LEU A 197 -1.85 -5.90 8.31
CA LEU A 197 -2.50 -4.60 8.52
C LEU A 197 -2.13 -3.54 7.49
N ASN A 198 -3.12 -2.73 7.11
CA ASN A 198 -2.93 -1.64 6.16
C ASN A 198 -2.56 -0.45 7.06
N PRO A 199 -1.43 0.23 6.78
CA PRO A 199 -0.94 1.38 7.56
C PRO A 199 -1.71 2.70 7.51
N THR A 200 -2.73 2.80 6.66
CA THR A 200 -3.47 4.05 6.53
C THR A 200 -4.78 4.16 7.31
N VAL A 201 -5.22 3.05 7.89
CA VAL A 201 -6.47 3.05 8.64
C VAL A 201 -6.23 3.13 10.15
N SER A 202 -6.64 4.25 10.75
CA SER A 202 -6.44 4.47 12.18
C SER A 202 -7.74 4.77 12.91
N TYR A 203 -7.65 4.98 14.23
CA TYR A 203 -8.85 5.23 15.05
C TYR A 203 -8.76 6.49 15.89
N LEU A 204 -7.55 6.82 16.36
CA LEU A 204 -7.36 8.02 17.15
C LEU A 204 -7.15 9.14 16.13
N HIS A 205 -6.05 9.08 15.40
CA HIS A 205 -5.76 10.09 14.37
C HIS A 205 -6.65 9.80 13.17
N GLU A 206 -7.05 10.85 12.44
CA GLU A 206 -7.88 10.65 11.26
C GLU A 206 -7.05 9.94 10.20
N PRO A 207 -7.68 9.05 9.40
CA PRO A 207 -6.96 8.33 8.36
C PRO A 207 -6.43 9.27 7.27
N SER A 208 -5.40 10.05 7.61
CA SER A 208 -4.78 11.01 6.70
C SER A 208 -5.77 11.83 5.89
N ARG A 211 0.59 9.82 4.38
CA ARG A 211 0.48 9.81 5.87
C ARG A 211 0.01 8.46 6.36
N PHE A 212 0.79 7.84 7.22
CA PHE A 212 0.45 6.53 7.74
C PHE A 212 -0.13 6.62 9.15
N SER A 213 -1.42 6.98 9.19
CA SER A 213 -2.15 7.16 10.43
C SER A 213 -2.08 6.01 11.43
N LEU A 214 -1.99 4.77 10.95
CA LEU A 214 -1.94 3.65 11.91
C LEU A 214 -0.62 3.67 12.65
N SER A 215 0.45 4.07 11.96
CA SER A 215 1.74 4.12 12.60
C SER A 215 1.66 5.21 13.68
N LEU A 216 1.04 6.34 13.34
CA LEU A 216 0.89 7.43 14.30
C LEU A 216 0.15 6.95 15.56
N ASP A 217 -0.95 6.20 15.38
CA ASP A 217 -1.72 5.69 16.52
C ASP A 217 -0.87 4.81 17.42
N VAL A 218 -0.31 3.75 16.83
CA VAL A 218 0.48 2.79 17.57
C VAL A 218 1.74 3.39 18.20
N ALA A 219 2.38 4.33 17.48
CA ALA A 219 3.58 4.97 18.01
C ALA A 219 3.27 5.75 19.30
N GLU A 220 2.02 6.18 19.45
CA GLU A 220 1.62 6.93 20.65
C GLU A 220 1.90 6.08 21.89
N VAL A 221 1.69 4.78 21.78
CA VAL A 221 1.92 3.86 22.88
C VAL A 221 3.40 3.62 23.21
N PHE A 222 4.22 3.64 22.17
CA PHE A 222 5.65 3.36 22.32
C PHE A 222 6.61 4.54 22.48
N LYS A 223 6.25 5.71 21.95
CA LYS A 223 7.15 6.86 22.04
C LYS A 223 7.71 7.16 23.44
N PRO A 224 6.88 7.00 24.49
CA PRO A 224 7.45 7.29 25.81
C PRO A 224 8.62 6.38 26.15
N ILE A 225 8.59 5.16 25.62
CA ILE A 225 9.64 4.19 25.88
C ILE A 225 10.90 4.37 25.03
N PHE A 226 10.71 4.58 23.73
CA PHE A 226 11.82 4.74 22.80
C PHE A 226 12.35 6.17 22.68
N VAL A 227 11.57 7.14 23.15
CA VAL A 227 12.00 8.53 23.04
C VAL A 227 12.26 9.18 24.40
N ASP A 228 11.19 9.60 25.07
CA ASP A 228 11.31 10.26 26.36
C ASP A 228 12.25 9.57 27.34
N ASN A 229 12.00 8.29 27.62
CA ASN A 229 12.82 7.55 28.57
C ASN A 229 14.29 7.47 28.14
N LEU A 230 14.52 7.27 26.84
CA LEU A 230 15.88 7.17 26.33
C LEU A 230 16.58 8.53 26.44
N ILE A 231 15.87 9.59 26.08
CA ILE A 231 16.45 10.93 26.15
C ILE A 231 16.85 11.29 27.59
N ILE A 232 15.98 10.99 28.54
CA ILE A 232 16.27 11.30 29.94
C ILE A 232 17.55 10.59 30.36
N ARG A 233 17.65 9.29 30.08
CA ARG A 233 18.85 8.55 30.46
C ARG A 233 20.11 9.04 29.73
N LEU A 234 19.99 9.32 28.44
CA LEU A 234 21.16 9.76 27.69
C LEU A 234 21.70 11.10 28.19
N ILE A 235 20.81 12.02 28.54
CA ILE A 235 21.24 13.32 29.04
C ILE A 235 21.75 13.23 30.48
N GLN A 236 21.02 12.55 31.36
CA GLN A 236 21.44 12.45 32.75
C GLN A 236 22.70 11.62 32.95
N GLU A 237 22.93 10.66 32.06
CA GLU A 237 24.13 9.84 32.17
C GLU A 237 25.26 10.44 31.35
N ASN A 238 25.03 11.65 30.83
CA ASN A 238 26.04 12.36 30.06
C ASN A 238 26.48 11.67 28.77
N LYS A 239 25.59 10.93 28.11
CA LYS A 239 25.91 10.25 26.85
C LYS A 239 25.67 11.21 25.70
N ILE A 240 24.67 12.07 25.86
CA ILE A 240 24.33 13.08 24.87
C ILE A 240 24.49 14.44 25.55
N ASP A 241 25.26 15.34 24.94
CA ASP A 241 25.46 16.66 25.51
C ASP A 241 25.40 17.72 24.42
N LYS A 242 25.66 18.97 24.79
CA LYS A 242 25.61 20.07 23.84
C LYS A 242 26.50 19.97 22.60
N THR A 243 27.57 19.18 22.67
CA THR A 243 28.44 19.05 21.50
C THR A 243 27.86 18.11 20.45
N HIS A 244 26.74 17.46 20.76
CA HIS A 244 26.11 16.55 19.81
C HIS A 244 25.07 17.25 18.94
N PHE A 245 25.02 18.57 19.07
CA PHE A 245 24.08 19.37 18.32
C PHE A 245 24.81 20.49 17.60
N SER A 246 24.20 20.98 16.51
CA SER A 246 24.77 22.08 15.76
C SER A 246 23.67 23.04 15.42
N THR A 247 24.03 24.31 15.27
CA THR A 247 23.07 25.32 14.89
C THR A 247 23.68 25.97 13.65
N GLU A 248 22.96 25.87 12.54
CA GLU A 248 23.42 26.43 11.28
C GLU A 248 22.24 27.15 10.65
N LEU A 249 22.43 28.41 10.27
CA LEU A 249 21.35 29.17 9.66
C LEU A 249 20.09 29.17 10.53
N ASN A 250 20.27 29.37 11.83
CA ASN A 250 19.15 29.40 12.77
C ASN A 250 18.42 28.06 12.85
N THR A 252 18.75 24.39 14.53
CA THR A 252 19.43 23.56 15.52
C THR A 252 19.03 22.11 15.27
N PHE A 253 20.02 21.24 15.14
CA PHE A 253 19.74 19.85 14.85
C PHE A 253 20.77 18.90 15.44
N LEU A 254 20.35 17.65 15.62
CA LEU A 254 21.23 16.63 16.15
C LEU A 254 22.20 16.40 14.99
N ASN A 255 23.50 16.49 15.26
CA ASN A 255 24.49 16.29 14.20
C ASN A 255 24.94 14.84 14.01
N GLU A 256 26.00 14.64 13.24
CA GLU A 256 26.51 13.31 12.94
C GLU A 256 26.92 12.45 14.13
N ILE A 257 27.80 12.99 14.98
CA ILE A 257 28.26 12.24 16.14
C ILE A 257 27.12 11.97 17.11
N GLY A 258 26.28 12.99 17.32
CA GLY A 258 25.15 12.85 18.22
C GLY A 258 24.13 11.86 17.68
N ARG A 259 23.92 11.92 16.37
CA ARG A 259 22.98 11.05 15.69
C ARG A 259 23.42 9.60 15.90
N LYS A 260 24.72 9.35 15.86
CA LYS A 260 25.24 8.01 16.05
C LYS A 260 25.08 7.54 17.50
N VAL A 261 25.25 8.46 18.45
CA VAL A 261 25.08 8.10 19.85
C VAL A 261 23.63 7.70 20.10
N PHE A 262 22.71 8.52 19.60
CA PHE A 262 21.30 8.23 19.79
C PHE A 262 20.84 6.94 19.11
N LEU A 263 21.27 6.75 17.87
CA LEU A 263 20.90 5.55 17.10
C LEU A 263 21.42 4.28 17.76
N LYS A 264 22.64 4.34 18.28
CA LYS A 264 23.20 3.17 18.93
C LYS A 264 22.36 2.88 20.17
N ALA A 265 21.95 3.93 20.88
CA ALA A 265 21.13 3.75 22.07
C ALA A 265 19.74 3.24 21.70
N PHE A 266 19.17 3.81 20.65
CA PHE A 266 17.84 3.41 20.16
C PHE A 266 17.83 1.94 19.73
N ASN A 267 18.86 1.54 18.97
CA ASN A 267 18.94 0.16 18.49
C ASN A 267 19.21 -0.82 19.62
N GLU A 268 20.05 -0.45 20.57
CA GLU A 268 20.33 -1.33 21.69
C GLU A 268 19.06 -1.55 22.51
N LEU A 269 18.21 -0.53 22.58
CA LEU A 269 16.95 -0.63 23.31
C LEU A 269 15.99 -1.55 22.54
N LEU A 270 15.97 -1.39 21.21
CA LEU A 270 15.12 -2.23 20.36
C LEU A 270 15.46 -3.70 20.56
N GLU A 271 16.74 -3.98 20.71
CA GLU A 271 17.21 -5.35 20.89
C GLU A 271 17.28 -5.82 22.35
N THR A 272 17.08 -4.92 23.31
CA THR A 272 17.12 -5.32 24.70
C THR A 272 15.89 -6.19 24.97
N THR A 273 16.08 -7.31 25.68
CA THR A 273 14.98 -8.21 25.98
C THR A 273 14.35 -7.90 27.32
N ILE A 274 13.09 -8.28 27.48
CA ILE A 274 12.36 -8.05 28.73
C ILE A 274 11.38 -9.20 28.93
N PHE A 275 11.22 -9.64 30.19
CA PHE A 275 10.32 -10.76 30.49
C PHE A 275 8.88 -10.44 30.11
N TYR A 276 8.27 -11.36 29.37
CA TYR A 276 6.90 -11.21 28.91
C TYR A 276 6.10 -12.39 29.48
N PRO A 277 5.43 -12.19 30.62
CA PRO A 277 4.65 -13.23 31.29
C PRO A 277 3.90 -14.20 30.35
N LYS A 278 3.06 -13.65 29.48
CA LYS A 278 2.28 -14.47 28.55
C LYS A 278 3.06 -15.53 27.79
N LEU A 279 4.34 -15.29 27.54
CA LEU A 279 5.19 -16.23 26.81
C LEU A 279 6.19 -16.93 27.70
N ASN A 280 6.18 -16.58 28.98
CA ASN A 280 7.10 -17.15 29.96
C ASN A 280 8.56 -17.08 29.51
N ARG A 281 8.89 -16.02 28.77
CA ARG A 281 10.26 -15.83 28.30
C ARG A 281 10.48 -14.35 27.99
N LYS A 282 11.74 -13.95 27.86
CA LYS A 282 12.05 -12.55 27.56
C LYS A 282 11.96 -12.32 26.05
N VAL A 283 11.40 -11.18 25.67
CA VAL A 283 11.28 -10.83 24.26
C VAL A 283 11.93 -9.48 24.05
N SER A 284 12.30 -9.17 22.81
CA SER A 284 12.95 -7.89 22.52
C SER A 284 11.89 -6.79 22.52
N HIS A 285 12.33 -5.54 22.66
CA HIS A 285 11.39 -4.42 22.65
C HIS A 285 10.80 -4.30 21.26
N ARG A 286 11.55 -4.73 20.25
CA ARG A 286 11.03 -4.67 18.89
C ARG A 286 9.85 -5.63 18.82
N THR A 287 9.98 -6.78 19.46
CA THR A 287 8.92 -7.78 19.46
C THR A 287 7.67 -7.26 20.20
N LEU A 288 7.85 -6.34 21.15
CA LEU A 288 6.70 -5.80 21.86
C LEU A 288 5.82 -5.03 20.89
N ILE A 289 6.45 -4.38 19.90
CA ILE A 289 5.71 -3.63 18.89
C ILE A 289 4.93 -4.64 18.05
N LYS A 290 5.61 -5.68 17.61
CA LYS A 290 4.97 -6.72 16.79
C LYS A 290 3.78 -7.32 17.53
N LEU A 291 4.02 -7.71 18.78
CA LEU A 291 2.98 -8.31 19.62
C LEU A 291 1.80 -7.37 19.81
N GLU A 292 2.08 -6.07 19.90
CA GLU A 292 1.03 -5.08 20.07
C GLU A 292 0.16 -5.07 18.82
N LEU A 293 0.79 -5.22 17.66
CA LEU A 293 0.06 -5.23 16.40
C LEU A 293 -0.83 -6.46 16.29
N TYR A 294 -0.34 -7.59 16.79
CA TYR A 294 -1.14 -8.79 16.73
C TYR A 294 -2.27 -8.75 17.73
N LYS A 295 -2.11 -7.97 18.80
CA LYS A 295 -3.17 -7.83 19.78
C LYS A 295 -4.28 -7.03 19.09
N LEU A 296 -3.88 -6.03 18.30
CA LEU A 296 -4.83 -5.21 17.58
C LEU A 296 -5.56 -6.06 16.54
N ILE A 297 -4.82 -6.83 15.79
CA ILE A 297 -5.40 -7.69 14.76
C ILE A 297 -6.46 -8.62 15.37
N LYS A 298 -6.12 -9.25 16.49
CA LYS A 298 -7.05 -10.18 17.15
C LYS A 298 -8.31 -9.44 17.61
N HIS A 299 -8.16 -8.16 17.90
CA HIS A 299 -9.28 -7.34 18.34
C HIS A 299 -10.17 -7.04 17.14
N LEU A 300 -9.56 -6.70 16.01
CA LEU A 300 -10.29 -6.38 14.80
C LEU A 300 -11.00 -7.63 14.28
N LEU A 301 -10.42 -8.80 14.53
CA LEU A 301 -11.01 -10.05 14.10
C LEU A 301 -12.12 -10.50 15.08
N GLU A 302 -12.40 -9.68 16.08
CA GLU A 302 -13.43 -9.98 17.08
C GLU A 302 -13.09 -11.22 17.91
N GLU A 303 -11.81 -11.49 18.10
CA GLU A 303 -11.39 -12.67 18.87
C GLU A 303 -10.98 -12.36 20.32
N GLU A 304 -10.47 -11.17 20.55
CA GLU A 304 -10.04 -10.81 21.89
C GLU A 304 -9.95 -9.30 22.01
N VAL A 305 -10.39 -8.78 23.15
CA VAL A 305 -10.37 -7.34 23.37
C VAL A 305 -8.95 -6.78 23.46
N TYR A 306 -8.72 -5.67 22.76
CA TYR A 306 -7.41 -5.02 22.74
C TYR A 306 -7.14 -4.19 23.98
N LEU A 307 -6.02 -4.48 24.65
CA LEU A 307 -5.60 -3.72 25.82
C LEU A 307 -4.22 -3.18 25.48
N PRO A 308 -4.02 -1.86 25.61
CA PRO A 308 -2.72 -1.27 25.29
C PRO A 308 -1.59 -1.71 26.21
N LEU A 309 -0.38 -1.76 25.65
CA LEU A 309 0.80 -2.16 26.42
C LEU A 309 1.01 -1.23 27.62
N ASN A 310 1.05 -1.83 28.80
CA ASN A 310 1.30 -1.09 30.04
C ASN A 310 2.75 -1.46 30.35
N TYR A 311 3.67 -0.68 29.79
CA TYR A 311 5.09 -0.94 29.94
C TYR A 311 5.53 -1.04 31.39
N GLY A 312 4.98 -0.17 32.22
CA GLY A 312 5.34 -0.19 33.64
C GLY A 312 5.14 -1.57 34.22
N GLY A 313 4.13 -2.27 33.75
CA GLY A 313 3.84 -3.60 34.25
C GLY A 313 4.88 -4.67 33.95
N LEU A 314 5.71 -4.43 32.94
CA LEU A 314 6.73 -5.39 32.57
C LEU A 314 8.03 -5.11 33.32
N LYS A 315 8.12 -3.94 33.92
CA LYS A 315 9.32 -3.57 34.64
C LYS A 315 9.24 -4.00 36.10
N ARG B 2 -0.45 16.46 -14.35
CA ARG B 2 -0.58 16.22 -12.89
C ARG B 2 0.23 14.99 -12.50
N VAL B 3 0.10 13.93 -13.28
CA VAL B 3 0.86 12.72 -13.03
C VAL B 3 1.96 12.63 -14.08
N TYR B 4 3.17 12.28 -13.65
CA TYR B 4 4.25 12.17 -14.61
C TYR B 4 4.68 10.71 -14.72
N TYR B 5 4.70 10.21 -15.95
CA TYR B 5 5.10 8.82 -16.21
C TYR B 5 6.51 8.77 -16.78
N ILE B 6 7.34 7.90 -16.24
CA ILE B 6 8.70 7.73 -16.73
C ILE B 6 8.73 6.35 -17.36
N ASN B 7 8.80 6.31 -18.70
CA ASN B 7 8.78 5.06 -19.43
C ASN B 7 10.12 4.62 -20.01
N SER B 8 11.12 5.49 -19.97
CA SER B 8 12.43 5.15 -20.51
C SER B 8 13.49 5.05 -19.41
N HIS B 9 14.49 4.22 -19.63
CA HIS B 9 15.55 4.06 -18.64
C HIS B 9 16.36 5.36 -18.58
N GLY B 10 16.99 5.60 -17.44
CA GLY B 10 17.78 6.82 -17.30
C GLY B 10 18.07 7.22 -15.86
N THR B 11 18.31 8.51 -15.67
CA THR B 11 18.61 9.07 -14.35
C THR B 11 17.67 10.22 -14.04
N LEU B 12 17.11 10.20 -12.84
CA LEU B 12 16.20 11.26 -12.41
C LEU B 12 16.91 11.98 -11.26
N SER B 13 16.95 13.30 -11.34
CA SER B 13 17.62 14.05 -10.30
C SER B 13 17.03 15.43 -10.17
N ARG B 14 17.49 16.15 -9.15
CA ARG B 14 17.03 17.50 -8.96
C ARG B 14 18.07 18.39 -9.63
N HIS B 15 17.61 19.36 -10.40
CA HIS B 15 18.50 20.29 -11.08
C HIS B 15 17.89 21.65 -10.77
N GLU B 16 18.64 22.46 -10.03
CA GLU B 16 18.15 23.78 -9.62
C GLU B 16 16.86 23.46 -8.87
N ASN B 17 15.73 24.02 -9.26
CA ASN B 17 14.50 23.73 -8.52
C ASN B 17 13.47 22.95 -9.32
N THR B 18 13.94 22.09 -10.22
CA THR B 18 13.06 21.26 -11.02
C THR B 18 13.60 19.84 -11.09
N LEU B 19 12.91 18.99 -11.82
CA LEU B 19 13.32 17.61 -12.00
C LEU B 19 14.03 17.49 -13.34
N ARG B 20 14.97 16.56 -13.42
CA ARG B 20 15.71 16.33 -14.65
C ARG B 20 15.87 14.84 -14.92
N PHE B 21 15.58 14.46 -16.16
CA PHE B 21 15.71 13.08 -16.60
C PHE B 21 16.75 13.01 -17.71
N GLU B 22 17.71 12.13 -17.55
CA GLU B 22 18.77 11.96 -18.54
C GLU B 22 19.06 10.50 -18.85
N ASN B 23 19.53 10.25 -20.07
CA ASN B 23 19.91 8.93 -20.53
C ASN B 23 20.70 9.06 -21.82
N GLU B 25 22.18 10.81 -24.34
CA GLU B 25 21.12 10.83 -25.38
C GLU B 25 20.14 11.97 -25.19
N VAL B 26 19.33 11.91 -24.13
CA VAL B 26 18.34 12.96 -23.87
C VAL B 26 18.44 13.53 -22.45
N LYS B 27 18.32 14.84 -22.35
CA LYS B 27 18.34 15.54 -21.08
C LYS B 27 17.12 16.46 -21.05
N LYS B 28 16.15 16.12 -20.21
CA LYS B 28 14.93 16.89 -20.13
C LYS B 28 14.62 17.42 -18.72
N ASP B 29 14.34 18.71 -18.63
CA ASP B 29 13.99 19.32 -17.36
C ASP B 29 12.49 19.18 -17.21
N ILE B 30 12.03 18.85 -16.01
CA ILE B 30 10.61 18.67 -15.77
C ILE B 30 10.12 19.57 -14.65
N PRO B 31 9.26 20.55 -14.98
CA PRO B 31 8.73 21.48 -13.98
C PRO B 31 8.02 20.70 -12.89
N VAL B 32 8.52 20.81 -11.67
CA VAL B 32 7.95 20.10 -10.54
C VAL B 32 6.64 20.71 -10.08
N GLU B 33 6.42 21.97 -10.43
CA GLU B 33 5.20 22.68 -10.03
C GLU B 33 3.95 22.00 -10.58
N ASP B 34 4.11 21.23 -11.65
CA ASP B 34 2.99 20.53 -12.28
C ASP B 34 2.75 19.11 -11.76
N VAL B 35 3.84 18.43 -11.38
CA VAL B 35 3.76 17.05 -10.90
C VAL B 35 3.09 16.84 -9.54
N GLU B 36 2.15 15.90 -9.51
CA GLU B 36 1.44 15.54 -8.29
C GLU B 36 1.95 14.18 -7.84
N GLU B 37 2.24 13.33 -8.82
CA GLU B 37 2.74 11.98 -8.58
C GLU B 37 3.63 11.59 -9.75
N ILE B 38 4.58 10.69 -9.49
CA ILE B 38 5.48 10.21 -10.52
C ILE B 38 5.46 8.69 -10.51
N PHE B 39 5.14 8.11 -11.66
CA PHE B 39 5.10 6.66 -11.82
C PHE B 39 6.31 6.26 -12.65
N VAL B 40 7.08 5.28 -12.18
CA VAL B 40 8.28 4.83 -12.89
C VAL B 40 8.07 3.44 -13.49
N PHE B 41 8.15 3.34 -14.81
CA PHE B 41 7.97 2.07 -15.50
C PHE B 41 9.23 1.63 -16.23
N ALA B 42 10.39 2.04 -15.74
CA ALA B 42 11.65 1.67 -16.36
C ALA B 42 12.75 1.62 -15.30
N GLU B 43 13.95 1.22 -15.72
CA GLU B 43 15.08 1.15 -14.79
C GLU B 43 15.52 2.58 -14.56
N LEU B 44 15.69 2.94 -13.30
CA LEU B 44 16.05 4.30 -12.97
C LEU B 44 17.16 4.44 -11.95
N SER B 45 17.97 5.46 -12.14
CA SER B 45 19.05 5.75 -11.21
C SER B 45 18.64 7.06 -10.52
N LEU B 46 18.78 7.11 -9.20
CA LEU B 46 18.41 8.32 -8.46
C LEU B 46 19.23 8.41 -7.17
N ASN B 47 18.99 9.44 -6.37
CA ASN B 47 19.71 9.60 -5.11
C ASN B 47 18.82 10.28 -4.07
N THR B 48 19.31 10.39 -2.84
CA THR B 48 18.54 11.00 -1.76
C THR B 48 18.26 12.47 -1.98
N LYS B 49 19.14 13.13 -2.71
CA LYS B 49 18.94 14.54 -3.00
C LYS B 49 17.62 14.67 -3.76
N LEU B 50 17.37 13.72 -4.66
CA LEU B 50 16.15 13.73 -5.45
C LEU B 50 14.95 13.40 -4.58
N LEU B 51 15.07 12.32 -3.80
CA LEU B 51 13.97 11.91 -2.92
C LEU B 51 13.58 12.98 -1.91
N ASN B 52 14.57 13.62 -1.29
CA ASN B 52 14.27 14.66 -0.30
C ASN B 52 13.60 15.84 -0.98
N PHE B 53 13.94 16.08 -2.23
CA PHE B 53 13.33 17.15 -2.99
C PHE B 53 11.87 16.80 -3.26
N LEU B 54 11.61 15.55 -3.63
CA LEU B 54 10.23 15.13 -3.89
C LEU B 54 9.44 15.18 -2.59
N ALA B 55 10.06 14.77 -1.50
CA ALA B 55 9.39 14.81 -0.21
C ALA B 55 9.02 16.25 0.13
N SER B 56 9.93 17.18 -0.15
CA SER B 56 9.67 18.58 0.15
C SER B 56 8.46 19.09 -0.64
N LYS B 57 8.25 18.54 -1.84
CA LYS B 57 7.11 18.95 -2.67
C LYS B 57 5.86 18.10 -2.41
N GLY B 58 6.02 17.02 -1.65
CA GLY B 58 4.90 16.16 -1.35
C GLY B 58 4.51 15.27 -2.52
N ILE B 59 5.49 14.89 -3.32
CA ILE B 59 5.26 14.05 -4.49
C ILE B 59 5.71 12.61 -4.29
N PRO B 60 4.76 11.65 -4.35
CA PRO B 60 5.12 10.24 -4.17
C PRO B 60 5.79 9.73 -5.45
N LEU B 61 6.63 8.72 -5.31
CA LEU B 61 7.33 8.14 -6.46
C LEU B 61 7.00 6.64 -6.51
N HIS B 62 6.14 6.24 -7.43
CA HIS B 62 5.74 4.84 -7.58
C HIS B 62 6.65 4.05 -8.52
N PHE B 63 7.18 2.93 -8.03
CA PHE B 63 8.10 2.12 -8.82
C PHE B 63 7.47 0.82 -9.32
N PHE B 64 7.66 0.57 -10.63
CA PHE B 64 7.16 -0.63 -11.31
C PHE B 64 8.32 -1.16 -12.17
N ASN B 65 8.43 -2.47 -12.35
CA ASN B 65 9.50 -2.95 -13.21
C ASN B 65 9.03 -2.74 -14.64
N TYR B 66 9.91 -2.98 -15.61
CA TYR B 66 9.57 -2.77 -17.02
C TYR B 66 8.26 -3.39 -17.47
N TYR B 67 7.91 -4.54 -16.92
CA TYR B 67 6.69 -5.22 -17.32
C TYR B 67 5.42 -4.80 -16.60
N GLY B 68 5.53 -3.86 -15.66
CA GLY B 68 4.35 -3.39 -14.95
C GLY B 68 4.14 -3.96 -13.57
N TYR B 69 5.09 -4.76 -13.10
CA TYR B 69 5.01 -5.37 -11.77
C TYR B 69 5.37 -4.29 -10.73
N TYR B 70 4.42 -3.98 -9.84
CA TYR B 70 4.62 -2.98 -8.79
C TYR B 70 5.62 -3.44 -7.75
N THR B 71 6.66 -2.66 -7.49
CA THR B 71 7.65 -3.05 -6.49
C THR B 71 7.55 -2.27 -5.18
N GLY B 72 7.04 -1.05 -5.25
CA GLY B 72 6.93 -0.24 -4.04
C GLY B 72 6.83 1.22 -4.36
N THR B 73 6.63 2.05 -3.32
CA THR B 73 6.50 3.49 -3.50
C THR B 73 7.27 4.32 -2.47
N PHE B 74 7.94 5.39 -2.91
CA PHE B 74 8.61 6.28 -1.96
C PHE B 74 7.52 7.25 -1.53
N TYR B 75 7.09 7.13 -0.28
CA TYR B 75 6.04 7.99 0.25
C TYR B 75 6.60 9.14 1.07
N PRO B 76 6.37 10.39 0.62
CA PRO B 76 6.86 11.57 1.34
C PRO B 76 6.30 11.58 2.76
N ARG B 77 7.01 12.22 3.69
CA ARG B 77 6.57 12.32 5.07
C ARG B 77 5.14 12.82 5.07
N GLU B 78 4.89 13.83 4.25
CA GLU B 78 3.57 14.42 4.11
C GLU B 78 3.22 14.44 2.63
N SER B 79 2.37 13.52 2.20
CA SER B 79 1.98 13.45 0.80
C SER B 79 0.87 14.48 0.55
N SER B 80 1.10 15.39 -0.40
CA SER B 80 0.13 16.43 -0.72
C SER B 80 -0.80 15.97 -1.85
N GLY B 83 -6.32 8.54 2.99
CA GLY B 83 -6.93 7.21 2.75
C GLY B 83 -8.45 7.28 2.73
N HIS B 84 -8.98 8.34 2.12
CA HIS B 84 -10.42 8.53 2.03
C HIS B 84 -11.08 7.53 1.08
N LEU B 85 -10.46 7.32 -0.08
CA LEU B 85 -11.01 6.39 -1.07
C LEU B 85 -11.14 5.00 -0.50
N LEU B 86 -10.12 4.56 0.25
CA LEU B 86 -10.13 3.23 0.85
C LEU B 86 -11.32 3.04 1.79
N ILE B 87 -11.62 4.06 2.59
CA ILE B 87 -12.73 3.98 3.51
C ILE B 87 -14.04 3.84 2.72
N LYS B 88 -14.19 4.67 1.69
CA LYS B 88 -15.37 4.64 0.84
C LYS B 88 -15.54 3.29 0.14
N GLN B 89 -14.43 2.68 -0.25
CA GLN B 89 -14.46 1.39 -0.92
C GLN B 89 -15.12 0.35 -0.02
N VAL B 90 -14.62 0.26 1.22
CA VAL B 90 -15.14 -0.70 2.20
C VAL B 90 -16.55 -0.33 2.66
N GLU B 91 -16.86 0.95 2.60
CA GLU B 91 -18.17 1.43 3.02
C GLU B 91 -19.25 0.82 2.13
N HIS B 92 -18.98 0.80 0.82
CA HIS B 92 -19.94 0.24 -0.13
C HIS B 92 -19.99 -1.28 -0.10
N TYR B 93 -19.08 -1.89 0.66
CA TYR B 93 -19.07 -3.34 0.80
C TYR B 93 -19.88 -3.70 2.05
N LEU B 94 -19.63 -2.96 3.14
CA LEU B 94 -20.31 -3.21 4.41
C LEU B 94 -21.81 -3.01 4.31
N ASP B 95 -22.23 -2.02 3.52
CA ASP B 95 -23.66 -1.76 3.34
C ASP B 95 -24.16 -2.73 2.27
N ALA B 96 -24.76 -3.82 2.72
CA ALA B 96 -25.29 -4.87 1.84
C ALA B 96 -26.02 -4.35 0.61
N GLN B 97 -26.79 -3.28 0.78
CA GLN B 97 -27.53 -2.67 -0.32
C GLN B 97 -26.59 -2.03 -1.34
N LYS B 98 -25.59 -1.30 -0.85
CA LYS B 98 -24.64 -0.65 -1.75
C LYS B 98 -23.77 -1.70 -2.44
N ARG B 99 -23.43 -2.77 -1.73
CA ARG B 99 -22.62 -3.83 -2.30
C ARG B 99 -23.39 -4.50 -3.43
N LEU B 100 -24.63 -4.89 -3.15
CA LEU B 100 -25.46 -5.56 -4.13
C LEU B 100 -25.60 -4.74 -5.39
N TYR B 101 -25.71 -3.42 -5.25
CA TYR B 101 -25.86 -2.57 -6.41
C TYR B 101 -24.65 -2.67 -7.33
N LEU B 102 -23.46 -2.61 -6.73
CA LEU B 102 -22.23 -2.70 -7.48
C LEU B 102 -22.06 -4.10 -8.07
N ALA B 103 -22.34 -5.13 -7.30
CA ALA B 103 -22.22 -6.50 -7.81
C ALA B 103 -23.13 -6.64 -9.05
N LYS B 104 -24.37 -6.17 -8.96
CA LYS B 104 -25.31 -6.25 -10.08
C LYS B 104 -24.80 -5.47 -11.29
N SER B 105 -24.18 -4.32 -11.04
CA SER B 105 -23.65 -3.49 -12.12
C SER B 105 -22.59 -4.22 -12.93
N PHE B 106 -21.66 -4.90 -12.25
CA PHE B 106 -20.62 -5.63 -12.98
C PHE B 106 -21.23 -6.79 -13.78
N VAL B 107 -22.20 -7.48 -13.18
CA VAL B 107 -22.85 -8.58 -13.89
C VAL B 107 -23.60 -8.04 -15.11
N ILE B 108 -24.28 -6.91 -14.95
CA ILE B 108 -25.01 -6.31 -16.06
C ILE B 108 -24.05 -5.97 -17.20
N GLY B 109 -22.88 -5.45 -16.85
CA GLY B 109 -21.89 -5.13 -17.86
C GLY B 109 -21.43 -6.41 -18.55
N SER B 110 -21.23 -7.46 -17.78
CA SER B 110 -20.81 -8.74 -18.36
C SER B 110 -21.87 -9.25 -19.33
N ILE B 111 -23.13 -9.20 -18.90
CA ILE B 111 -24.24 -9.67 -19.73
C ILE B 111 -24.43 -8.84 -20.99
N LEU B 112 -24.38 -7.52 -20.84
CA LEU B 112 -24.54 -6.64 -21.99
C LEU B 112 -23.46 -6.91 -23.02
N ASN B 113 -22.23 -7.11 -22.56
CA ASN B 113 -21.15 -7.34 -23.49
C ASN B 113 -21.09 -8.76 -24.04
N LEU B 114 -21.65 -9.72 -23.30
CA LEU B 114 -21.70 -11.09 -23.81
C LEU B 114 -22.78 -11.07 -24.90
N GLU B 115 -23.82 -10.26 -24.68
CA GLU B 115 -24.91 -10.11 -25.62
C GLU B 115 -24.39 -9.58 -26.95
N TYR B 116 -23.52 -8.57 -26.88
CA TYR B 116 -22.92 -7.99 -28.07
C TYR B 116 -22.06 -9.01 -28.81
N VAL B 117 -21.31 -9.79 -28.06
CA VAL B 117 -20.43 -10.80 -28.63
C VAL B 117 -21.13 -12.03 -29.20
N TYR B 118 -22.00 -12.64 -28.41
CA TYR B 118 -22.70 -13.85 -28.83
C TYR B 118 -24.02 -13.64 -29.56
N LYS B 119 -24.55 -12.43 -29.49
CA LYS B 119 -25.81 -12.11 -30.14
C LYS B 119 -26.95 -12.98 -29.61
N ILE B 120 -27.06 -13.02 -28.28
CA ILE B 120 -28.12 -13.76 -27.59
C ILE B 120 -28.86 -12.67 -26.83
N SER B 121 -30.16 -12.52 -27.07
CA SER B 121 -30.95 -11.50 -26.38
C SER B 121 -30.82 -11.59 -24.87
N ALA B 122 -30.43 -10.49 -24.24
CA ALA B 122 -30.25 -10.47 -22.79
C ALA B 122 -31.39 -9.80 -22.03
N ASP B 123 -32.35 -9.26 -22.77
CA ASP B 123 -33.49 -8.56 -22.18
C ASP B 123 -34.07 -9.21 -20.93
N THR B 124 -34.45 -10.47 -21.03
CA THR B 124 -35.05 -11.16 -19.89
C THR B 124 -34.09 -11.34 -18.71
N TYR B 125 -32.84 -11.71 -18.99
CA TYR B 125 -31.86 -11.91 -17.94
C TYR B 125 -31.48 -10.61 -17.24
N LEU B 126 -31.46 -9.51 -17.98
CA LEU B 126 -31.15 -8.23 -17.38
C LEU B 126 -32.27 -7.89 -16.40
N ASN B 127 -33.52 -8.19 -16.76
CA ASN B 127 -34.62 -7.93 -15.85
C ASN B 127 -34.52 -8.86 -14.64
N LYS B 128 -34.10 -10.10 -14.86
CA LYS B 128 -33.95 -11.04 -13.75
C LYS B 128 -32.86 -10.54 -12.79
N VAL B 129 -31.77 -10.02 -13.36
CA VAL B 129 -30.69 -9.47 -12.55
C VAL B 129 -31.26 -8.40 -11.62
N LYS B 130 -32.06 -7.50 -12.20
CA LYS B 130 -32.70 -6.41 -11.47
C LYS B 130 -33.52 -6.93 -10.29
N GLU B 131 -34.18 -8.07 -10.50
CA GLU B 131 -35.04 -8.66 -9.47
C GLU B 131 -34.34 -9.40 -8.34
N THR B 132 -33.10 -9.84 -8.54
CA THR B 132 -32.40 -10.57 -7.48
C THR B 132 -32.23 -9.72 -6.23
N ASN B 133 -32.21 -10.37 -5.07
CA ASN B 133 -32.09 -9.67 -3.80
C ASN B 133 -30.87 -10.03 -2.97
N SER B 134 -29.95 -10.80 -3.54
CA SER B 134 -28.74 -11.20 -2.85
C SER B 134 -27.66 -11.57 -3.85
N ILE B 135 -26.42 -11.62 -3.39
CA ILE B 135 -25.32 -11.96 -4.29
C ILE B 135 -25.47 -13.38 -4.81
N PRO B 136 -25.82 -14.35 -3.94
CA PRO B 136 -25.97 -15.74 -4.41
C PRO B 136 -27.01 -15.82 -5.52
N GLU B 137 -28.15 -15.18 -5.31
CA GLU B 137 -29.21 -15.21 -6.31
C GLU B 137 -28.71 -14.56 -7.59
N LEU B 138 -28.01 -13.43 -7.44
CA LEU B 138 -27.46 -12.71 -8.59
C LEU B 138 -26.52 -13.61 -9.41
N SER B 140 -26.55 -16.86 -9.62
CA SER B 140 -27.29 -17.93 -10.29
C SER B 140 -27.79 -17.46 -11.66
N VAL B 141 -28.24 -16.21 -11.73
CA VAL B 141 -28.73 -15.64 -12.98
C VAL B 141 -27.58 -15.45 -13.96
N GLU B 142 -26.43 -14.99 -13.46
CA GLU B 142 -25.26 -14.81 -14.31
C GLU B 142 -24.83 -16.15 -14.88
N ALA B 143 -24.84 -17.18 -14.04
CA ALA B 143 -24.48 -18.53 -14.47
C ALA B 143 -25.40 -18.99 -15.59
N GLU B 144 -26.69 -18.65 -15.49
CA GLU B 144 -27.65 -19.05 -16.52
C GLU B 144 -27.29 -18.45 -17.88
N PHE B 145 -27.03 -17.15 -17.93
CA PHE B 145 -26.69 -16.50 -19.19
C PHE B 145 -25.34 -16.98 -19.70
N ARG B 146 -24.43 -17.22 -18.77
CA ARG B 146 -23.10 -17.69 -19.10
C ARG B 146 -23.21 -19.03 -19.82
N LYS B 147 -24.15 -19.86 -19.37
CA LYS B 147 -24.38 -21.18 -19.93
C LYS B 147 -24.84 -21.10 -21.38
N LEU B 148 -25.70 -20.13 -21.67
CA LEU B 148 -26.20 -19.94 -23.02
C LEU B 148 -25.06 -19.51 -23.94
N CYS B 149 -24.12 -18.75 -23.39
CA CYS B 149 -22.99 -18.27 -24.19
C CYS B 149 -21.98 -19.37 -24.50
N TYR B 150 -21.67 -20.23 -23.52
CA TYR B 150 -20.73 -21.32 -23.76
C TYR B 150 -21.27 -22.34 -24.75
N LYS B 151 -22.59 -22.48 -24.78
CA LYS B 151 -23.24 -23.40 -25.70
C LYS B 151 -23.02 -22.84 -27.09
N LYS B 152 -23.27 -21.54 -27.24
CA LYS B 152 -23.09 -20.91 -28.54
C LYS B 152 -21.62 -20.89 -28.94
N LEU B 153 -20.72 -20.72 -27.96
CA LEU B 153 -19.29 -20.71 -28.25
C LEU B 153 -18.92 -22.04 -28.92
N GLU B 154 -19.49 -23.13 -28.43
CA GLU B 154 -19.23 -24.44 -29.04
C GLU B 154 -19.78 -24.49 -30.46
N GLU B 155 -20.94 -23.89 -30.68
CA GLU B 155 -21.55 -23.92 -32.00
C GLU B 155 -20.83 -23.07 -33.05
N VAL B 156 -20.40 -21.88 -32.68
CA VAL B 156 -19.71 -20.99 -33.62
C VAL B 156 -18.26 -21.35 -33.87
N THR B 157 -17.72 -22.30 -33.12
CA THR B 157 -16.33 -22.71 -33.30
C THR B 157 -16.25 -24.17 -33.75
N GLY B 158 -17.15 -25.00 -33.23
CA GLY B 158 -17.14 -26.40 -33.57
C GLY B 158 -16.20 -27.16 -32.66
N TRP B 159 -15.72 -26.48 -31.62
CA TRP B 159 -14.80 -27.07 -30.66
C TRP B 159 -15.55 -27.47 -29.39
N GLU B 160 -15.01 -28.45 -28.66
CA GLU B 160 -15.64 -28.92 -27.44
C GLU B 160 -15.40 -27.98 -26.27
N LEU B 161 -16.42 -27.81 -25.44
CA LEU B 161 -16.34 -26.99 -24.24
C LEU B 161 -16.94 -27.88 -23.15
N GLU B 162 -18.23 -28.21 -23.33
CA GLU B 162 -19.00 -29.08 -22.45
C GLU B 162 -19.31 -28.47 -21.08
N LYS B 163 -18.26 -27.97 -20.43
CA LYS B 163 -18.38 -27.34 -19.12
C LYS B 163 -17.09 -26.57 -18.86
N ARG B 164 -17.20 -25.49 -18.09
CA ARG B 164 -16.02 -24.67 -17.76
C ARG B 164 -15.15 -25.49 -16.80
N THR B 165 -13.92 -25.78 -17.20
CA THR B 165 -12.98 -26.52 -16.35
C THR B 165 -11.72 -25.68 -16.20
N LYS B 166 -11.16 -25.62 -15.00
CA LYS B 166 -9.98 -24.79 -14.78
C LYS B 166 -8.84 -25.44 -14.00
N ARG B 167 -9.09 -26.58 -13.36
CA ARG B 167 -8.04 -27.22 -12.58
C ARG B 167 -7.96 -28.73 -12.82
N PRO B 168 -7.47 -29.12 -14.01
CA PRO B 168 -7.01 -28.21 -15.06
C PRO B 168 -7.99 -28.12 -16.23
N PRO B 169 -7.71 -27.24 -17.21
CA PRO B 169 -8.60 -27.10 -18.36
C PRO B 169 -8.61 -28.46 -19.06
N GLN B 170 -9.78 -28.96 -19.40
CA GLN B 170 -9.88 -30.26 -20.04
C GLN B 170 -9.92 -30.26 -21.57
N ASN B 171 -9.87 -29.08 -22.18
CA ASN B 171 -9.87 -28.99 -23.65
C ASN B 171 -9.35 -27.64 -24.12
N PRO B 172 -9.01 -27.52 -25.42
CA PRO B 172 -8.50 -26.26 -25.95
C PRO B 172 -9.28 -25.01 -25.59
N LEU B 173 -10.60 -25.04 -25.75
CA LEU B 173 -11.41 -23.86 -25.43
C LEU B 173 -11.24 -23.41 -23.99
N ASN B 174 -11.27 -24.34 -23.04
CA ASN B 174 -11.08 -23.95 -21.65
C ASN B 174 -9.66 -23.46 -21.44
N ALA B 175 -8.70 -24.02 -22.17
CA ALA B 175 -7.32 -23.58 -22.04
C ALA B 175 -7.21 -22.13 -22.51
N LEU B 176 -7.89 -21.80 -23.62
CA LEU B 176 -7.86 -20.44 -24.15
C LEU B 176 -8.58 -19.47 -23.20
N ILE B 177 -9.73 -19.89 -22.69
CA ILE B 177 -10.51 -19.05 -21.78
C ILE B 177 -9.69 -18.71 -20.53
N SER B 178 -9.01 -19.71 -19.96
CA SER B 178 -8.18 -19.48 -18.77
C SER B 178 -7.02 -18.54 -19.08
N PHE B 179 -6.37 -18.72 -20.23
CA PHE B 179 -5.25 -17.86 -20.60
C PHE B 179 -5.74 -16.43 -20.82
N GLY B 180 -6.82 -16.30 -21.60
CA GLY B 180 -7.37 -14.98 -21.87
C GLY B 180 -7.85 -14.27 -20.62
N ASN B 181 -8.48 -15.03 -19.72
CA ASN B 181 -8.98 -14.46 -18.47
C ASN B 181 -7.78 -13.93 -17.67
N SER B 182 -6.71 -14.72 -17.58
CA SER B 182 -5.51 -14.32 -16.85
C SER B 182 -4.94 -13.02 -17.38
N LEU B 183 -4.82 -12.92 -18.69
CA LEU B 183 -4.29 -11.71 -19.31
C LEU B 183 -5.17 -10.52 -19.00
N THR B 184 -6.48 -10.76 -18.94
CA THR B 184 -7.42 -9.70 -18.66
C THR B 184 -7.34 -9.22 -17.20
N TYR B 185 -7.25 -10.16 -16.26
CA TYR B 185 -7.15 -9.78 -14.85
C TYR B 185 -5.89 -8.95 -14.63
N ALA B 186 -4.79 -9.36 -15.25
CA ALA B 186 -3.52 -8.66 -15.12
C ALA B 186 -3.62 -7.26 -15.70
N LYS B 187 -4.20 -7.15 -16.88
CA LYS B 187 -4.37 -5.86 -17.54
C LYS B 187 -5.19 -4.90 -16.69
N VAL B 188 -6.29 -5.39 -16.13
CA VAL B 188 -7.16 -4.57 -15.30
C VAL B 188 -6.44 -4.18 -14.00
N LEU B 189 -5.78 -5.12 -13.36
CA LEU B 189 -5.05 -4.85 -12.13
C LEU B 189 -4.02 -3.76 -12.40
N GLY B 190 -3.37 -3.85 -13.56
CA GLY B 190 -2.38 -2.85 -13.93
C GLY B 190 -3.00 -1.47 -13.93
N GLU B 191 -4.20 -1.35 -14.47
CA GLU B 191 -4.87 -0.06 -14.49
C GLU B 191 -5.26 0.38 -13.09
N ILE B 192 -5.62 -0.59 -12.24
CA ILE B 192 -6.01 -0.26 -10.88
C ILE B 192 -4.83 0.36 -10.12
N TYR B 193 -3.64 -0.24 -10.29
CA TYR B 193 -2.46 0.28 -9.62
C TYR B 193 -2.09 1.69 -10.07
N LYS B 194 -2.66 2.14 -11.18
CA LYS B 194 -2.39 3.50 -11.66
C LYS B 194 -3.38 4.48 -11.06
N THR B 195 -4.30 3.97 -10.23
CA THR B 195 -5.29 4.82 -9.58
C THR B 195 -5.03 4.71 -8.08
N GLN B 196 -5.88 5.32 -7.27
CA GLN B 196 -5.72 5.28 -5.83
C GLN B 196 -6.57 4.19 -5.18
N LEU B 197 -7.29 3.44 -6.01
CA LEU B 197 -8.15 2.36 -5.52
C LEU B 197 -7.33 1.19 -4.98
N ASN B 198 -7.77 0.65 -3.85
CA ASN B 198 -7.11 -0.52 -3.27
C ASN B 198 -7.72 -1.67 -4.06
N PRO B 199 -6.88 -2.57 -4.62
CA PRO B 199 -7.33 -3.71 -5.42
C PRO B 199 -7.94 -4.87 -4.65
N THR B 200 -7.85 -4.81 -3.32
CA THR B 200 -8.36 -5.88 -2.47
C THR B 200 -9.85 -5.78 -2.15
N VAL B 201 -10.44 -4.60 -2.33
CA VAL B 201 -11.85 -4.43 -2.02
C VAL B 201 -12.76 -4.63 -3.23
N SER B 202 -13.56 -5.70 -3.18
CA SER B 202 -14.48 -6.02 -4.26
C SER B 202 -15.92 -6.12 -3.74
N TYR B 203 -16.88 -6.26 -4.67
CA TYR B 203 -18.28 -6.33 -4.28
C TYR B 203 -18.98 -7.59 -4.78
N LEU B 204 -18.70 -8.00 -6.02
CA LEU B 204 -19.28 -9.21 -6.57
C LEU B 204 -18.55 -10.40 -5.98
N HIS B 205 -17.22 -10.39 -6.11
CA HIS B 205 -16.40 -11.46 -5.57
C HIS B 205 -16.10 -11.13 -4.11
N GLU B 206 -15.85 -12.15 -3.30
CA GLU B 206 -15.55 -11.95 -1.89
C GLU B 206 -14.12 -11.45 -1.72
N PRO B 207 -13.95 -10.29 -1.07
CA PRO B 207 -12.62 -9.71 -0.85
C PRO B 207 -11.63 -10.72 -0.28
N SER B 208 -12.09 -11.53 0.67
CA SER B 208 -11.25 -12.53 1.32
C SER B 208 -10.81 -13.67 0.41
N ARG B 211 -6.49 -12.49 -4.21
CA ARG B 211 -5.89 -11.36 -3.46
C ARG B 211 -6.41 -10.01 -3.98
N PHE B 212 -6.28 -9.78 -5.27
CA PHE B 212 -6.71 -8.53 -5.90
C PHE B 212 -8.10 -8.65 -6.50
N SER B 213 -9.07 -8.95 -5.63
CA SER B 213 -10.46 -9.14 -6.01
C SER B 213 -11.12 -8.07 -6.86
N LEU B 214 -10.72 -6.81 -6.68
CA LEU B 214 -11.33 -5.74 -7.46
C LEU B 214 -11.06 -5.94 -8.95
N SER B 215 -9.90 -6.50 -9.29
CA SER B 215 -9.59 -6.71 -10.70
C SER B 215 -10.54 -7.76 -11.26
N LEU B 216 -10.98 -8.68 -10.40
CA LEU B 216 -11.90 -9.73 -10.81
C LEU B 216 -13.26 -9.14 -11.14
N ASP B 217 -13.75 -8.25 -10.28
CA ASP B 217 -15.04 -7.59 -10.46
C ASP B 217 -15.06 -6.80 -11.77
N VAL B 218 -14.14 -5.86 -11.91
CA VAL B 218 -14.05 -5.00 -13.09
C VAL B 218 -13.83 -5.80 -14.37
N ALA B 219 -13.08 -6.89 -14.28
CA ALA B 219 -12.82 -7.73 -15.45
C ALA B 219 -14.11 -8.36 -16.01
N GLU B 220 -15.12 -8.53 -15.15
CA GLU B 220 -16.38 -9.12 -15.61
C GLU B 220 -16.93 -8.35 -16.79
N VAL B 221 -16.73 -7.04 -16.77
CA VAL B 221 -17.20 -6.16 -17.82
C VAL B 221 -16.40 -6.27 -19.11
N PHE B 222 -15.10 -6.54 -19.00
CA PHE B 222 -14.21 -6.61 -20.16
C PHE B 222 -13.89 -8.00 -20.73
N LYS B 223 -14.07 -9.05 -19.95
CA LYS B 223 -13.75 -10.39 -20.43
C LYS B 223 -14.48 -10.81 -21.72
N PRO B 224 -15.77 -10.45 -21.85
CA PRO B 224 -16.47 -10.84 -23.09
C PRO B 224 -15.81 -10.25 -24.33
N ILE B 225 -15.26 -9.04 -24.18
CA ILE B 225 -14.61 -8.36 -25.29
C ILE B 225 -13.17 -8.76 -25.55
N PHE B 226 -12.40 -9.00 -24.48
CA PHE B 226 -10.99 -9.36 -24.61
C PHE B 226 -10.72 -10.86 -24.68
N VAL B 227 -11.71 -11.66 -24.32
CA VAL B 227 -11.53 -13.10 -24.30
C VAL B 227 -12.48 -13.83 -25.25
N ASP B 228 -13.76 -13.90 -24.90
CA ASP B 228 -14.73 -14.58 -25.76
C ASP B 228 -14.64 -14.07 -27.19
N ASN B 229 -14.84 -12.78 -27.39
CA ASN B 229 -14.80 -12.22 -28.74
C ASN B 229 -13.51 -12.52 -29.51
N LEU B 230 -12.37 -12.41 -28.83
CA LEU B 230 -11.07 -12.66 -29.47
C LEU B 230 -10.91 -14.13 -29.85
N ILE B 231 -11.27 -15.01 -28.93
CA ILE B 231 -11.21 -16.45 -29.15
C ILE B 231 -12.02 -16.81 -30.40
N ILE B 232 -13.24 -16.32 -30.47
CA ILE B 232 -14.10 -16.63 -31.62
C ILE B 232 -13.45 -16.15 -32.91
N ARG B 233 -12.95 -14.92 -32.89
CA ARG B 233 -12.31 -14.32 -34.05
C ARG B 233 -11.09 -15.15 -34.51
N LEU B 234 -10.19 -15.46 -33.57
CA LEU B 234 -9.00 -16.25 -33.88
C LEU B 234 -9.29 -17.65 -34.40
N ILE B 235 -10.30 -18.31 -33.83
CA ILE B 235 -10.64 -19.64 -34.29
C ILE B 235 -11.32 -19.60 -35.65
N GLN B 236 -12.29 -18.70 -35.83
CA GLN B 236 -12.99 -18.60 -37.11
C GLN B 236 -12.09 -18.10 -38.25
N GLU B 237 -11.04 -17.36 -37.91
CA GLU B 237 -10.13 -16.85 -38.93
C GLU B 237 -8.93 -17.76 -39.08
N ASN B 238 -9.01 -18.93 -38.44
CA ASN B 238 -7.98 -19.97 -38.51
C ASN B 238 -6.59 -19.55 -38.03
N LYS B 239 -6.55 -18.59 -37.11
CA LYS B 239 -5.27 -18.13 -36.57
C LYS B 239 -4.88 -19.01 -35.38
N ILE B 240 -5.89 -19.54 -34.70
CA ILE B 240 -5.66 -20.45 -33.60
C ILE B 240 -6.34 -21.75 -33.99
N ASP B 241 -5.58 -22.84 -34.06
CA ASP B 241 -6.16 -24.13 -34.42
C ASP B 241 -5.71 -25.24 -33.50
N LYS B 242 -6.11 -26.48 -33.83
CA LYS B 242 -5.80 -27.64 -33.02
C LYS B 242 -4.31 -27.91 -32.78
N THR B 243 -3.45 -27.39 -33.65
CA THR B 243 -2.01 -27.61 -33.51
C THR B 243 -1.37 -26.68 -32.48
N HIS B 244 -2.16 -25.76 -31.92
CA HIS B 244 -1.65 -24.82 -30.93
C HIS B 244 -1.87 -25.30 -29.50
N PHE B 245 -2.22 -26.57 -29.36
CA PHE B 245 -2.48 -27.12 -28.03
C PHE B 245 -1.79 -28.45 -27.81
N SER B 246 -1.58 -28.77 -26.53
CA SER B 246 -0.95 -30.01 -26.13
C SER B 246 -1.77 -30.59 -24.98
N THR B 247 -2.11 -31.87 -25.07
CA THR B 247 -2.88 -32.50 -24.02
C THR B 247 -2.08 -33.59 -23.30
N GLU B 248 -1.99 -33.47 -21.98
CA GLU B 248 -1.29 -34.44 -21.14
C GLU B 248 -2.35 -35.09 -20.27
N LEU B 249 -2.56 -36.39 -20.44
CA LEU B 249 -3.57 -37.08 -19.64
C LEU B 249 -4.92 -36.37 -19.75
N ASN B 250 -5.29 -35.62 -18.71
CA ASN B 250 -6.56 -34.90 -18.69
C ASN B 250 -6.34 -33.39 -18.76
N THR B 252 -5.04 -29.97 -20.80
CA THR B 252 -4.82 -29.39 -22.11
C THR B 252 -4.14 -28.04 -21.93
N PHE B 253 -3.05 -27.82 -22.67
CA PHE B 253 -2.29 -26.58 -22.57
C PHE B 253 -2.13 -25.87 -23.92
N LEU B 254 -2.07 -24.55 -23.86
CA LEU B 254 -1.85 -23.74 -25.05
C LEU B 254 -0.31 -23.77 -25.20
N ASN B 255 0.19 -24.18 -26.35
CA ASN B 255 1.63 -24.25 -26.52
C ASN B 255 2.27 -22.90 -26.80
N GLU B 256 3.60 -22.90 -26.88
CA GLU B 256 4.36 -21.67 -27.12
C GLU B 256 3.84 -20.86 -28.30
N ILE B 257 3.72 -21.49 -29.45
CA ILE B 257 3.23 -20.82 -30.65
C ILE B 257 1.82 -20.27 -30.38
N GLY B 258 1.00 -21.08 -29.73
CA GLY B 258 -0.36 -20.66 -29.42
C GLY B 258 -0.38 -19.42 -28.53
N ARG B 259 0.40 -19.44 -27.45
CA ARG B 259 0.45 -18.28 -26.54
C ARG B 259 0.88 -17.01 -27.25
N LYS B 260 1.89 -17.12 -28.11
CA LYS B 260 2.40 -15.97 -28.84
C LYS B 260 1.31 -15.39 -29.73
N VAL B 261 0.62 -16.25 -30.47
CA VAL B 261 -0.46 -15.80 -31.33
C VAL B 261 -1.53 -15.06 -30.53
N PHE B 262 -1.99 -15.69 -29.45
CA PHE B 262 -3.03 -15.08 -28.63
C PHE B 262 -2.53 -13.80 -27.95
N LEU B 263 -1.35 -13.87 -27.36
CA LEU B 263 -0.80 -12.70 -26.67
C LEU B 263 -0.73 -11.52 -27.63
N LYS B 264 -0.20 -11.75 -28.82
CA LYS B 264 -0.08 -10.68 -29.81
C LYS B 264 -1.43 -10.08 -30.14
N ALA B 265 -2.44 -10.92 -30.40
CA ALA B 265 -3.77 -10.40 -30.73
C ALA B 265 -4.38 -9.65 -29.55
N PHE B 266 -4.18 -10.15 -28.34
CA PHE B 266 -4.72 -9.50 -27.15
C PHE B 266 -4.15 -8.08 -27.06
N ASN B 267 -2.83 -7.98 -27.11
CA ASN B 267 -2.17 -6.67 -27.04
C ASN B 267 -2.59 -5.74 -28.15
N GLU B 268 -2.77 -6.28 -29.36
CA GLU B 268 -3.17 -5.43 -30.48
C GLU B 268 -4.57 -4.91 -30.25
N LEU B 269 -5.42 -5.74 -29.64
CA LEU B 269 -6.79 -5.33 -29.35
C LEU B 269 -6.75 -4.21 -28.32
N LEU B 270 -5.99 -4.41 -27.25
CA LEU B 270 -5.89 -3.40 -26.19
C LEU B 270 -5.39 -2.06 -26.74
N GLU B 271 -4.54 -2.10 -27.76
CA GLU B 271 -4.00 -0.88 -28.37
C GLU B 271 -4.96 -0.27 -29.39
N THR B 272 -5.92 -1.05 -29.86
CA THR B 272 -6.88 -0.57 -30.84
C THR B 272 -7.69 0.58 -30.24
N THR B 273 -8.03 1.57 -31.08
CA THR B 273 -8.78 2.71 -30.60
C THR B 273 -10.21 2.64 -31.08
N ILE B 274 -11.09 3.34 -30.36
CA ILE B 274 -12.50 3.37 -30.70
C ILE B 274 -13.07 4.71 -30.23
N PHE B 275 -13.99 5.28 -31.00
CA PHE B 275 -14.56 6.57 -30.66
C PHE B 275 -15.34 6.55 -29.35
N TYR B 276 -15.01 7.50 -28.47
CA TYR B 276 -15.65 7.62 -27.17
C TYR B 276 -16.44 8.93 -27.12
N PRO B 277 -17.75 8.87 -27.41
CA PRO B 277 -18.66 10.03 -27.41
C PRO B 277 -18.44 11.11 -26.35
N LYS B 278 -18.54 10.74 -25.09
CA LYS B 278 -18.37 11.69 -24.00
C LYS B 278 -17.06 12.48 -24.08
N LEU B 279 -16.04 11.88 -24.66
CA LEU B 279 -14.76 12.56 -24.80
C LEU B 279 -14.60 13.15 -26.19
N ASN B 280 -15.48 12.74 -27.10
CA ASN B 280 -15.47 13.23 -28.48
C ASN B 280 -14.09 13.00 -29.09
N ARG B 281 -13.60 11.77 -28.99
CA ARG B 281 -12.30 11.39 -29.52
C ARG B 281 -12.13 9.88 -29.40
N LYS B 282 -11.11 9.34 -30.05
CA LYS B 282 -10.83 7.92 -30.02
C LYS B 282 -9.85 7.55 -28.92
N VAL B 283 -10.20 6.53 -28.13
CA VAL B 283 -9.34 6.05 -27.06
C VAL B 283 -9.06 4.58 -27.29
N SER B 284 -7.98 4.07 -26.73
CA SER B 284 -7.62 2.68 -26.89
C SER B 284 -8.53 1.82 -26.02
N HIS B 285 -8.45 0.51 -26.15
CA HIS B 285 -9.28 -0.36 -25.33
C HIS B 285 -8.73 -0.38 -23.91
N ARG B 286 -7.43 -0.11 -23.76
CA ARG B 286 -6.84 -0.08 -22.42
C ARG B 286 -7.43 1.11 -21.67
N THR B 287 -7.57 2.24 -22.36
CA THR B 287 -8.12 3.44 -21.74
C THR B 287 -9.57 3.26 -21.30
N LEU B 288 -10.30 2.35 -21.96
CA LEU B 288 -11.69 2.10 -21.57
C LEU B 288 -11.69 1.53 -20.16
N ILE B 289 -10.67 0.76 -19.83
CA ILE B 289 -10.56 0.18 -18.50
C ILE B 289 -10.40 1.33 -17.51
N LYS B 290 -9.45 2.22 -17.80
CA LYS B 290 -9.18 3.36 -16.92
C LYS B 290 -10.46 4.17 -16.74
N LEU B 291 -11.17 4.40 -17.84
CA LEU B 291 -12.42 5.16 -17.80
C LEU B 291 -13.49 4.46 -16.95
N GLU B 292 -13.42 3.13 -16.91
CA GLU B 292 -14.38 2.36 -16.13
C GLU B 292 -14.03 2.52 -14.66
N LEU B 293 -12.73 2.56 -14.36
CA LEU B 293 -12.27 2.73 -12.99
C LEU B 293 -12.63 4.14 -12.50
N TYR B 294 -12.59 5.10 -13.40
CA TYR B 294 -12.93 6.48 -13.05
C TYR B 294 -14.40 6.55 -12.70
N LYS B 295 -15.22 5.77 -13.40
CA LYS B 295 -16.64 5.76 -13.12
C LYS B 295 -16.90 5.17 -11.74
N LEU B 296 -16.18 4.11 -11.39
CA LEU B 296 -16.34 3.49 -10.08
C LEU B 296 -15.95 4.45 -8.96
N ILE B 297 -14.85 5.17 -9.17
CA ILE B 297 -14.37 6.12 -8.18
C ILE B 297 -15.41 7.21 -7.93
N LYS B 298 -15.91 7.82 -9.00
CA LYS B 298 -16.91 8.89 -8.86
C LYS B 298 -18.17 8.36 -8.19
N HIS B 299 -18.40 7.06 -8.33
CA HIS B 299 -19.56 6.42 -7.72
C HIS B 299 -19.31 6.32 -6.22
N LEU B 300 -18.13 5.81 -5.87
CA LEU B 300 -17.75 5.64 -4.48
C LEU B 300 -17.62 6.97 -3.75
N LEU B 301 -17.42 8.04 -4.51
CA LEU B 301 -17.28 9.38 -3.95
C LEU B 301 -18.63 10.09 -3.89
N GLU B 302 -19.70 9.34 -4.16
CA GLU B 302 -21.05 9.89 -4.13
C GLU B 302 -21.23 11.01 -5.16
N GLU B 303 -20.44 10.97 -6.24
CA GLU B 303 -20.53 12.00 -7.28
C GLU B 303 -21.53 11.66 -8.37
N GLU B 304 -21.28 10.56 -9.09
CA GLU B 304 -22.17 10.13 -10.16
C GLU B 304 -22.33 8.62 -10.07
N VAL B 305 -23.55 8.14 -10.27
CA VAL B 305 -23.82 6.71 -10.19
C VAL B 305 -23.12 5.89 -11.27
N TYR B 306 -22.49 4.81 -10.84
CA TYR B 306 -21.76 3.91 -11.72
C TYR B 306 -22.69 3.12 -12.64
N LEU B 307 -22.37 3.13 -13.92
CA LEU B 307 -23.12 2.40 -14.95
C LEU B 307 -22.05 1.63 -15.72
N PRO B 308 -22.23 0.31 -15.87
CA PRO B 308 -21.23 -0.46 -16.59
C PRO B 308 -21.07 -0.09 -18.06
N LEU B 309 -19.89 -0.36 -18.60
CA LEU B 309 -19.61 -0.08 -20.01
C LEU B 309 -20.47 -0.96 -20.92
N ASN B 310 -21.22 -0.33 -21.81
CA ASN B 310 -22.04 -1.05 -22.78
C ASN B 310 -21.23 -0.95 -24.07
N TYR B 311 -20.31 -1.89 -24.25
CA TYR B 311 -19.43 -1.90 -25.40
C TYR B 311 -20.16 -1.75 -26.73
N GLY B 312 -21.26 -2.48 -26.87
CA GLY B 312 -22.04 -2.41 -28.11
C GLY B 312 -22.42 -1.00 -28.46
N GLY B 313 -22.67 -0.17 -27.46
CA GLY B 313 -23.04 1.21 -27.71
C GLY B 313 -21.96 1.97 -28.46
N LEU B 314 -20.73 1.46 -28.38
CA LEU B 314 -19.60 2.09 -29.07
C LEU B 314 -19.44 1.42 -30.43
N LYS B 315 -20.21 0.35 -30.64
CA LYS B 315 -20.19 -0.42 -31.87
C LYS B 315 -18.97 -1.35 -31.96
#